data_4CYO
#
_entry.id   4CYO
#
_cell.length_a   48.555
_cell.length_b   92.729
_cell.length_c   53.643
_cell.angle_alpha   90.00
_cell.angle_beta   113.86
_cell.angle_gamma   90.00
#
_symmetry.space_group_name_H-M   'P 1 21 1'
#
loop_
_entity.id
_entity.type
_entity.pdbx_description
1 polymer 'GLYCYLPEPTIDE N-TETRADECANOYLTRANSFERASE'
2 non-polymer 'MAGNESIUM ION'
3 non-polymer N-{5-[(3S,4R)-1-[(3R)-3-amino-4-(4-chlorophenyl)butanoyl]-4-(hydroxymethyl)pyrrolidin-3-yl]-2-chlorophenyl}-2-(4-fluorophenyl)acetamide
4 non-polymer TETRADECANOYL-COA
5 water water
#
_entity_poly.entity_id   1
_entity_poly.type   'polypeptide(L)'
_entity_poly.pdbx_seq_one_letter_code
;AHAFWSTQPVPQTEDETEKIVFAGPMDEPKTVADIPEEPYPIASTFEWWTPNMEAADDIHAIYELLRDNYVEDDDSMFRF
NYSEEFLQWALCPPNYIPDWHVAVRRKADKKLLAFIAGVPVTLRMGTPKYMKVKAQEKGEGEEAAKYDEPRHICEINFLC
VHKQLREKRLAPILIKEATRRVNRTNVWQAVYTAGVLLPTPYASGQYFHRSLNPEKLVEIRFSGIPAQYQKFQNPMAMLK
RNYQLPSAPKNSGLREMKPSDVPQVRRILMNYLDSFDVGPVFSDAEISHYLLPRDGVVFTYVVENDKKVTDFFSFYRIPS
TVIGNSNYNLLNAAYVHYYAATSIPLHQLILDLLIVAHSRGFDVCNMVEILDNRSFVEQLKFGAGDGHLRYYFYNWAYPK
IKPSQVALVML
;
_entity_poly.pdbx_strand_id   A
#
# COMPACT_ATOMS: atom_id res chain seq x y z
N ALA A 1 26.67 0.38 -11.59
CA ALA A 1 25.33 0.24 -12.19
C ALA A 1 24.28 1.02 -11.39
N HIS A 2 24.43 1.14 -10.04
CA HIS A 2 23.49 1.93 -9.22
C HIS A 2 24.24 3.02 -8.42
N ALA A 3 24.49 4.18 -9.01
CA ALA A 3 25.33 5.21 -8.42
C ALA A 3 24.72 5.65 -7.09
N PHE A 4 23.38 5.51 -6.94
CA PHE A 4 22.79 5.92 -5.63
C PHE A 4 22.60 4.71 -4.74
N TRP A 5 21.93 3.66 -5.20
CA TRP A 5 21.56 2.60 -4.32
C TRP A 5 22.75 1.76 -3.83
N SER A 6 23.83 1.76 -4.61
CA SER A 6 25.10 1.19 -4.14
C SER A 6 25.67 1.85 -2.90
N THR A 7 25.30 3.06 -2.53
CA THR A 7 25.84 3.79 -1.37
C THR A 7 24.95 3.66 -0.10
N GLN A 8 23.86 2.92 -0.27
CA GLN A 8 22.77 2.89 0.77
C GLN A 8 22.78 1.57 1.52
N PRO A 9 22.18 1.59 2.76
CA PRO A 9 22.15 0.34 3.61
C PRO A 9 20.98 -0.62 3.28
N VAL A 10 21.06 -1.24 2.09
CA VAL A 10 20.17 -2.24 1.67
C VAL A 10 21.00 -3.41 1.10
N PRO A 11 20.45 -4.59 1.12
CA PRO A 11 21.17 -5.67 0.43
C PRO A 11 21.37 -5.36 -1.03
N GLN A 12 22.56 -5.73 -1.52
CA GLN A 12 22.98 -5.24 -2.87
C GLN A 12 22.67 -6.20 -4.00
N THR A 13 22.53 -7.50 -3.68
CA THR A 13 22.17 -8.47 -4.65
C THR A 13 21.30 -9.51 -4.05
N GLU A 14 20.66 -10.31 -4.91
CA GLU A 14 19.85 -11.43 -4.44
CA GLU A 14 19.88 -11.49 -4.48
C GLU A 14 20.79 -12.47 -3.75
N ASP A 15 22.05 -12.52 -4.18
CA ASP A 15 22.97 -13.49 -3.58
CA ASP A 15 22.97 -13.49 -3.56
C ASP A 15 23.33 -13.15 -2.12
N GLU A 16 23.51 -11.86 -1.84
CA GLU A 16 23.72 -11.33 -0.48
C GLU A 16 22.46 -11.63 0.32
N THR A 17 21.30 -11.33 -0.30
CA THR A 17 19.99 -11.71 0.25
C THR A 17 19.84 -13.16 0.69
N GLU A 18 20.14 -14.09 -0.25
CA GLU A 18 20.28 -15.53 0.03
C GLU A 18 20.97 -15.93 1.36
N LYS A 19 22.05 -15.23 1.72
CA LYS A 19 22.85 -15.54 2.90
C LYS A 19 22.33 -14.87 4.20
N ILE A 20 21.23 -14.07 4.09
CA ILE A 20 20.61 -13.44 5.29
C ILE A 20 19.77 -14.45 6.03
N VAL A 21 20.08 -14.60 7.32
CA VAL A 21 19.48 -15.61 8.07
C VAL A 21 18.64 -15.00 9.25
N PHE A 22 18.95 -13.79 9.74
CA PHE A 22 18.21 -13.26 10.88
C PHE A 22 17.75 -11.83 10.48
N ALA A 23 16.63 -11.38 11.04
CA ALA A 23 16.30 -10.00 10.90
C ALA A 23 17.25 -9.13 11.68
N GLY A 24 17.61 -7.97 11.17
CA GLY A 24 18.31 -7.01 11.93
C GLY A 24 18.81 -5.85 11.06
N PRO A 25 19.37 -4.85 11.68
CA PRO A 25 19.89 -3.68 10.97
C PRO A 25 21.08 -3.94 10.03
N MET A 26 21.16 -3.22 8.93
CA MET A 26 22.29 -3.37 7.98
C MET A 26 23.47 -2.57 8.45
N ASP A 27 23.26 -1.31 8.88
CA ASP A 27 24.26 -0.24 9.18
C ASP A 27 24.79 -0.30 10.61
N GLU A 28 25.90 0.44 10.78
CA GLU A 28 26.49 0.94 12.05
C GLU A 28 25.38 1.51 12.91
N PRO A 29 25.25 1.09 14.22
CA PRO A 29 24.30 1.97 14.95
C PRO A 29 24.78 3.43 14.92
N LYS A 30 23.88 4.38 14.68
CA LYS A 30 24.13 5.82 14.72
CA LYS A 30 24.16 5.80 14.73
C LYS A 30 23.30 6.49 15.78
N THR A 31 23.64 7.72 16.11
CA THR A 31 22.77 8.53 16.98
C THR A 31 22.22 9.77 16.36
N VAL A 32 21.12 10.24 16.95
CA VAL A 32 20.50 11.45 16.49
C VAL A 32 21.50 12.68 16.39
N ALA A 33 22.35 12.76 17.43
CA ALA A 33 23.21 13.94 17.54
C ALA A 33 24.24 13.95 16.38
N ASP A 34 24.48 12.76 15.77
CA ASP A 34 25.48 12.67 14.67
C ASP A 34 24.92 13.22 13.35
N ILE A 35 23.58 13.41 13.23
CA ILE A 35 22.92 13.72 11.93
C ILE A 35 22.93 15.23 11.74
N PRO A 36 23.30 15.72 10.57
CA PRO A 36 23.36 17.17 10.30
C PRO A 36 22.05 17.85 10.60
N GLU A 37 22.10 19.02 11.22
CA GLU A 37 20.83 19.61 11.67
CA GLU A 37 20.92 19.79 11.65
C GLU A 37 20.11 20.37 10.56
N GLU A 38 20.80 20.66 9.49
CA GLU A 38 20.25 21.45 8.47
C GLU A 38 19.99 20.60 7.22
N PRO A 39 18.93 21.03 6.52
CA PRO A 39 18.61 20.35 5.32
C PRO A 39 19.80 20.21 4.46
N TYR A 40 19.82 19.15 3.66
CA TYR A 40 20.82 18.95 2.66
CA TYR A 40 20.84 18.96 2.62
C TYR A 40 20.92 20.19 1.72
N PRO A 41 22.15 20.60 1.34
CA PRO A 41 22.28 21.68 0.34
C PRO A 41 21.61 21.23 -0.99
N ILE A 42 21.03 22.17 -1.74
CA ILE A 42 20.23 21.88 -2.99
C ILE A 42 20.42 23.06 -4.05
N ALA A 43 20.11 22.80 -5.34
CA ALA A 43 20.31 23.81 -6.45
C ALA A 43 19.55 25.10 -6.19
N SER A 44 20.18 26.22 -6.52
CA SER A 44 19.78 27.54 -5.96
C SER A 44 18.42 28.03 -6.43
N THR A 45 18.02 27.54 -7.57
CA THR A 45 16.71 27.65 -8.15
C THR A 45 15.52 26.88 -7.46
N PHE A 46 15.85 25.99 -6.51
CA PHE A 46 14.90 25.15 -5.77
C PHE A 46 14.86 25.48 -4.28
N GLU A 47 13.81 25.11 -3.56
CA GLU A 47 13.79 25.21 -2.07
C GLU A 47 13.04 24.01 -1.48
N TRP A 48 13.49 23.53 -0.34
CA TRP A 48 12.79 22.50 0.39
C TRP A 48 11.51 23.17 0.99
N TRP A 49 10.46 22.39 1.09
CA TRP A 49 9.15 22.80 1.62
C TRP A 49 8.54 21.66 2.42
N THR A 50 7.99 21.98 3.58
CA THR A 50 7.25 21.01 4.41
C THR A 50 5.77 21.42 4.26
N PRO A 51 4.94 20.66 3.49
CA PRO A 51 3.53 21.08 3.33
C PRO A 51 2.81 20.99 4.68
N ASN A 52 1.81 21.86 4.81
CA ASN A 52 0.88 21.84 5.95
C ASN A 52 -0.36 21.08 5.50
N MET A 53 -0.51 19.85 5.99
CA MET A 53 -1.60 19.00 5.51
CA MET A 53 -1.59 19.00 5.53
C MET A 53 -2.90 19.49 6.10
N GLU A 54 -2.89 20.48 6.99
CA GLU A 54 -4.18 21.14 7.36
C GLU A 54 -4.57 22.31 6.40
N ALA A 55 -3.73 22.63 5.45
CA ALA A 55 -4.02 23.75 4.54
C ALA A 55 -4.56 23.15 3.22
N ALA A 56 -5.75 23.56 2.81
CA ALA A 56 -6.36 23.11 1.53
C ALA A 56 -5.44 23.38 0.37
N ASP A 57 -4.76 24.55 0.33
CA ASP A 57 -3.93 24.82 -0.83
C ASP A 57 -2.74 23.87 -0.94
N ASP A 58 -2.19 23.47 0.22
CA ASP A 58 -1.00 22.60 0.27
C ASP A 58 -1.44 21.18 -0.24
N ILE A 59 -2.56 20.70 0.28
CA ILE A 59 -3.12 19.41 -0.23
CA ILE A 59 -3.11 19.40 -0.23
C ILE A 59 -3.38 19.51 -1.71
N HIS A 60 -3.98 20.62 -2.16
CA HIS A 60 -4.19 20.77 -3.60
C HIS A 60 -2.92 20.71 -4.43
N ALA A 61 -1.84 21.36 -3.96
CA ALA A 61 -0.60 21.33 -4.71
C ALA A 61 -0.06 19.91 -4.92
N ILE A 62 -0.07 19.11 -3.85
CA ILE A 62 0.39 17.71 -3.88
C ILE A 62 -0.58 16.96 -4.86
N TYR A 63 -1.88 17.19 -4.70
CA TYR A 63 -2.91 16.53 -5.56
C TYR A 63 -2.59 16.75 -7.01
N GLU A 64 -2.27 18.00 -7.41
CA GLU A 64 -2.03 18.31 -8.82
CA GLU A 64 -2.02 18.32 -8.84
C GLU A 64 -0.73 17.67 -9.35
N LEU A 65 0.31 17.68 -8.53
CA LEU A 65 1.58 17.04 -8.90
C LEU A 65 1.33 15.58 -9.21
N LEU A 66 0.66 14.93 -8.26
CA LEU A 66 0.41 13.45 -8.48
C LEU A 66 -0.57 13.21 -9.64
N ARG A 67 -1.61 14.03 -9.75
CA ARG A 67 -2.57 13.82 -10.84
C ARG A 67 -1.84 13.81 -12.21
N ASP A 68 -0.86 14.70 -12.36
CA ASP A 68 -0.21 14.82 -13.65
C ASP A 68 1.08 14.04 -13.87
N ASN A 69 1.67 13.49 -12.76
CA ASN A 69 3.03 13.01 -12.84
C ASN A 69 3.28 11.74 -12.04
N TYR A 70 2.25 11.20 -11.40
CA TYR A 70 2.48 9.94 -10.63
C TYR A 70 2.38 8.68 -11.50
N VAL A 71 2.21 7.51 -10.85
CA VAL A 71 2.36 6.21 -11.53
C VAL A 71 1.28 6.05 -12.66
N GLU A 72 1.82 5.59 -13.78
CA GLU A 72 1.03 5.15 -15.00
C GLU A 72 1.13 3.66 -15.20
N ASP A 73 0.19 3.15 -15.98
CA ASP A 73 0.39 1.75 -16.46
C ASP A 73 1.59 1.71 -17.46
N ASP A 74 1.91 0.49 -17.94
CA ASP A 74 3.03 0.35 -18.92
C ASP A 74 2.86 1.01 -20.24
N ASP A 75 1.63 1.15 -20.74
CA ASP A 75 1.41 1.63 -22.07
C ASP A 75 0.82 3.04 -22.15
N SER A 76 1.01 3.76 -21.01
CA SER A 76 0.51 5.11 -20.83
C SER A 76 -0.93 5.32 -21.31
N MET A 77 -1.77 4.51 -20.70
CA MET A 77 -3.17 4.58 -20.99
C MET A 77 -3.93 5.08 -19.75
N PHE A 78 -3.32 4.90 -18.57
CA PHE A 78 -3.99 5.24 -17.28
C PHE A 78 -2.96 5.97 -16.40
N ARG A 79 -3.44 6.85 -15.53
CA ARG A 79 -2.54 7.43 -14.51
C ARG A 79 -3.40 7.56 -13.23
N PHE A 80 -2.82 7.14 -12.10
CA PHE A 80 -3.58 7.28 -10.82
C PHE A 80 -4.03 8.74 -10.53
N ASN A 81 -5.24 8.92 -9.99
CA ASN A 81 -5.70 10.25 -9.65
C ASN A 81 -6.19 10.23 -8.19
N TYR A 82 -5.24 10.04 -7.25
CA TYR A 82 -5.60 10.12 -5.85
C TYR A 82 -6.36 11.41 -5.53
N SER A 83 -7.44 11.34 -4.78
CA SER A 83 -8.18 12.57 -4.49
C SER A 83 -7.54 13.33 -3.33
N GLU A 84 -7.95 14.60 -3.22
CA GLU A 84 -7.51 15.38 -2.02
C GLU A 84 -7.92 14.78 -0.71
N GLU A 85 -9.16 14.28 -0.61
CA GLU A 85 -9.64 13.63 0.65
C GLU A 85 -8.86 12.34 0.92
N PHE A 86 -8.53 11.59 -0.18
CA PHE A 86 -7.71 10.43 0.03
C PHE A 86 -6.30 10.74 0.57
N LEU A 87 -5.69 11.77 -0.03
CA LEU A 87 -4.33 12.20 0.40
C LEU A 87 -4.37 12.68 1.86
N GLN A 88 -5.41 13.39 2.28
CA GLN A 88 -5.45 13.84 3.67
CA GLN A 88 -5.43 13.83 3.67
C GLN A 88 -5.49 12.61 4.58
N TRP A 89 -6.28 11.62 4.21
CA TRP A 89 -6.38 10.38 4.98
C TRP A 89 -5.09 9.58 5.04
N ALA A 90 -4.46 9.38 3.87
CA ALA A 90 -3.20 8.58 3.79
C ALA A 90 -2.01 9.27 4.43
N LEU A 91 -1.93 10.57 4.33
CA LEU A 91 -0.72 11.30 4.83
C LEU A 91 -0.85 11.65 6.29
N CYS A 92 -2.05 11.59 6.87
CA CYS A 92 -2.23 12.12 8.27
C CYS A 92 -2.88 11.12 9.28
N PRO A 93 -2.29 9.97 9.41
CA PRO A 93 -2.75 9.02 10.42
C PRO A 93 -2.40 9.58 11.84
N PRO A 94 -2.96 8.99 12.89
CA PRO A 94 -2.65 9.36 14.30
C PRO A 94 -1.14 9.47 14.54
N ASN A 95 -0.81 10.62 15.13
CA ASN A 95 0.60 10.92 15.51
C ASN A 95 1.55 10.94 14.29
N TYR A 96 1.02 11.32 13.14
CA TYR A 96 1.91 11.51 11.99
C TYR A 96 2.90 12.68 12.33
N ILE A 97 4.01 12.68 11.61
CA ILE A 97 5.09 13.67 11.83
CA ILE A 97 5.14 13.64 11.83
C ILE A 97 5.13 14.57 10.63
N PRO A 98 4.70 15.83 10.78
CA PRO A 98 4.65 16.73 9.64
C PRO A 98 6.00 16.83 8.82
N ASP A 99 7.12 16.80 9.51
CA ASP A 99 8.42 16.96 8.91
CA ASP A 99 8.43 16.95 8.91
C ASP A 99 8.83 15.79 8.04
N TRP A 100 8.12 14.67 8.19
CA TRP A 100 8.39 13.48 7.30
C TRP A 100 7.81 13.66 5.88
N HIS A 101 7.00 14.65 5.65
CA HIS A 101 6.47 14.98 4.27
C HIS A 101 7.40 15.99 3.64
N VAL A 102 8.15 15.56 2.62
CA VAL A 102 9.29 16.38 2.11
C VAL A 102 8.93 16.76 0.70
N ALA A 103 9.07 18.03 0.39
CA ALA A 103 8.82 18.55 -0.97
C ALA A 103 9.92 19.49 -1.47
N VAL A 104 9.98 19.65 -2.79
CA VAL A 104 10.86 20.60 -3.46
C VAL A 104 9.93 21.47 -4.29
N ARG A 105 10.06 22.81 -4.09
CA ARG A 105 9.41 23.80 -4.92
C ARG A 105 10.40 24.66 -5.70
N ARG A 106 9.92 25.20 -6.82
CA ARG A 106 10.69 26.16 -7.61
C ARG A 106 10.59 27.48 -6.86
N LYS A 107 11.73 28.08 -6.51
CA LYS A 107 11.71 29.31 -5.70
C LYS A 107 10.86 30.50 -6.29
N ALA A 108 11.07 30.73 -7.57
CA ALA A 108 10.50 31.90 -8.29
C ALA A 108 8.98 31.93 -8.27
N ASP A 109 8.32 30.78 -8.48
CA ASP A 109 6.89 30.76 -8.51
C ASP A 109 6.23 29.79 -7.54
N LYS A 110 7.03 29.14 -6.67
CA LYS A 110 6.54 28.13 -5.72
C LYS A 110 5.85 26.91 -6.38
N LYS A 111 6.15 26.62 -7.64
CA LYS A 111 5.58 25.41 -8.31
C LYS A 111 6.19 24.14 -7.60
N LEU A 112 5.26 23.22 -7.21
CA LEU A 112 5.71 21.96 -6.66
C LEU A 112 6.37 21.08 -7.73
N LEU A 113 7.60 20.67 -7.48
CA LEU A 113 8.37 19.91 -8.47
C LEU A 113 8.62 18.44 -8.06
N ALA A 114 8.60 18.13 -6.75
CA ALA A 114 8.93 16.75 -6.33
C ALA A 114 8.39 16.56 -4.91
N PHE A 115 7.99 15.34 -4.58
CA PHE A 115 7.45 15.07 -3.28
C PHE A 115 7.79 13.66 -2.87
N ILE A 116 7.87 13.42 -1.54
CA ILE A 116 7.97 12.06 -0.98
C ILE A 116 7.30 12.12 0.38
N ALA A 117 6.61 11.07 0.78
CA ALA A 117 5.96 11.10 2.06
C ALA A 117 6.34 9.95 2.98
N GLY A 118 6.52 10.26 4.28
CA GLY A 118 6.77 9.23 5.27
C GLY A 118 5.64 9.33 6.27
N VAL A 119 5.13 8.17 6.71
CA VAL A 119 4.21 8.13 7.87
C VAL A 119 4.66 7.07 8.85
N PRO A 120 4.26 7.21 10.14
CA PRO A 120 4.61 6.19 11.12
CA PRO A 120 4.66 6.17 11.08
C PRO A 120 3.88 4.88 10.86
N VAL A 121 4.52 3.74 11.12
CA VAL A 121 3.83 2.47 11.18
C VAL A 121 4.56 1.66 12.27
N THR A 122 3.77 0.92 13.06
CA THR A 122 4.31 -0.04 14.03
C THR A 122 4.28 -1.38 13.35
N LEU A 123 5.50 -1.90 13.07
CA LEU A 123 5.60 -3.08 12.27
C LEU A 123 6.29 -4.29 12.95
N ARG A 124 5.71 -5.45 12.85
CA ARG A 124 6.46 -6.73 13.20
C ARG A 124 7.27 -7.09 11.98
N MET A 125 8.55 -7.28 12.23
CA MET A 125 9.52 -7.41 11.17
C MET A 125 10.70 -8.23 11.76
N GLY A 126 10.34 -9.11 12.69
CA GLY A 126 11.42 -10.01 13.21
C GLY A 126 11.64 -11.20 12.30
N THR A 127 12.63 -12.10 12.64
CA THR A 127 12.93 -13.20 11.75
C THR A 127 11.71 -14.03 11.33
N PRO A 128 11.58 -14.28 10.05
CA PRO A 128 10.42 -15.02 9.65
C PRO A 128 10.33 -16.46 10.17
N LYS A 129 9.13 -16.97 10.34
CA LYS A 129 8.93 -18.35 10.78
C LYS A 129 9.80 -19.42 10.11
N TYR A 130 9.93 -19.47 8.78
CA TYR A 130 10.69 -20.60 8.14
C TYR A 130 12.16 -20.56 8.54
N MET A 131 12.69 -19.39 8.81
CA MET A 131 14.06 -19.20 9.27
C MET A 131 14.18 -19.48 10.75
N LYS A 132 13.15 -19.19 11.53
CA LYS A 132 13.18 -19.59 12.92
C LYS A 132 13.24 -21.13 13.03
N VAL A 133 12.61 -21.90 12.13
CA VAL A 133 12.75 -23.38 12.16
C VAL A 133 14.22 -23.74 11.87
N LYS A 134 14.79 -23.24 10.77
CA LYS A 134 16.25 -23.35 10.51
C LYS A 134 17.14 -22.96 11.71
N ALA A 135 16.80 -21.87 12.43
CA ALA A 135 17.58 -21.49 13.65
C ALA A 135 17.52 -22.53 14.70
N GLN A 136 16.35 -23.11 14.94
CA GLN A 136 16.17 -24.16 15.99
C GLN A 136 17.07 -25.32 15.64
N GLU A 137 17.17 -25.67 14.35
CA GLU A 137 18.09 -26.79 13.88
C GLU A 137 19.60 -26.50 14.19
N LYS A 138 19.90 -25.23 14.29
CA LYS A 138 21.30 -24.85 14.48
CA LYS A 138 21.27 -24.76 14.46
C LYS A 138 21.64 -24.51 15.92
N GLY A 139 20.66 -24.55 16.84
CA GLY A 139 20.79 -24.12 18.23
C GLY A 139 20.92 -22.60 18.40
N GLU A 140 20.34 -21.84 17.44
CA GLU A 140 20.42 -20.38 17.41
C GLU A 140 19.10 -19.61 17.64
N GLY A 141 18.14 -20.19 18.39
CA GLY A 141 16.83 -19.51 18.55
C GLY A 141 16.90 -18.14 19.17
N GLU A 142 17.77 -17.89 20.17
CA GLU A 142 17.82 -16.55 20.77
C GLU A 142 18.28 -15.46 19.75
N GLU A 143 19.30 -15.68 18.95
CA GLU A 143 19.70 -14.65 18.01
C GLU A 143 18.52 -14.41 17.00
N ALA A 144 17.83 -15.49 16.60
CA ALA A 144 16.72 -15.37 15.65
C ALA A 144 15.59 -14.56 16.23
N ALA A 145 15.42 -14.55 17.55
CA ALA A 145 14.31 -13.89 18.18
C ALA A 145 14.60 -12.45 18.65
N LYS A 146 15.81 -11.96 18.40
CA LYS A 146 16.29 -10.70 18.98
C LYS A 146 15.38 -9.48 18.64
N TYR A 147 14.81 -9.48 17.43
CA TYR A 147 14.04 -8.31 16.93
C TYR A 147 12.57 -8.69 16.68
N ASP A 148 12.03 -9.57 17.52
CA ASP A 148 10.66 -10.02 17.50
C ASP A 148 9.65 -8.92 17.85
N GLU A 149 10.06 -7.96 18.65
CA GLU A 149 9.13 -6.91 19.18
CA GLU A 149 9.05 -7.02 19.10
C GLU A 149 8.68 -6.02 17.99
N PRO A 150 7.35 -5.72 17.89
CA PRO A 150 7.00 -4.65 16.86
C PRO A 150 7.86 -3.40 16.97
N ARG A 151 8.23 -2.79 15.84
CA ARG A 151 9.07 -1.65 15.83
C ARG A 151 8.36 -0.43 15.23
N HIS A 152 8.62 0.74 15.78
CA HIS A 152 8.05 2.00 15.30
C HIS A 152 8.95 2.44 14.21
N ILE A 153 8.50 2.32 12.95
CA ILE A 153 9.37 2.76 11.81
C ILE A 153 8.66 3.74 10.86
N CYS A 154 9.25 4.00 9.68
CA CYS A 154 8.66 4.87 8.65
C CYS A 154 8.16 4.03 7.46
N GLU A 155 6.94 4.33 6.97
CA GLU A 155 6.48 3.78 5.68
C GLU A 155 6.58 4.95 4.68
N ILE A 156 7.28 4.68 3.56
CA ILE A 156 7.54 5.71 2.54
C ILE A 156 6.62 5.42 1.37
N ASN A 157 5.99 6.50 0.85
CA ASN A 157 5.09 6.35 -0.34
C ASN A 157 5.06 7.70 -1.02
N PHE A 158 4.42 7.71 -2.21
CA PHE A 158 4.11 8.91 -2.99
C PHE A 158 5.35 9.63 -3.48
N LEU A 159 6.48 8.92 -3.71
CA LEU A 159 7.66 9.55 -4.34
C LEU A 159 7.25 9.96 -5.76
N CYS A 160 7.50 11.22 -6.11
CA CYS A 160 7.07 11.71 -7.48
C CYS A 160 7.99 12.86 -7.87
N VAL A 161 8.55 12.79 -9.09
CA VAL A 161 9.28 13.95 -9.64
C VAL A 161 8.53 14.39 -10.86
N HIS A 162 8.29 15.70 -11.01
CA HIS A 162 7.57 16.24 -12.21
C HIS A 162 8.20 15.71 -13.50
N LYS A 163 7.35 15.40 -14.49
CA LYS A 163 7.88 14.91 -15.77
C LYS A 163 9.00 15.77 -16.40
N GLN A 164 8.92 17.07 -16.21
CA GLN A 164 9.98 17.92 -16.81
C GLN A 164 11.32 17.85 -16.16
N LEU A 165 11.36 17.25 -14.98
CA LEU A 165 12.58 17.15 -14.20
C LEU A 165 13.12 15.74 -14.08
N ARG A 166 12.58 14.82 -14.89
CA ARG A 166 12.99 13.40 -14.84
C ARG A 166 14.43 13.19 -15.31
N GLU A 167 15.13 12.27 -14.64
CA GLU A 167 16.47 11.79 -15.04
C GLU A 167 17.53 12.83 -14.73
N LYS A 168 17.28 13.68 -13.74
CA LYS A 168 18.25 14.65 -13.35
C LYS A 168 18.75 14.34 -11.94
N ARG A 169 18.58 13.08 -11.47
CA ARG A 169 19.06 12.67 -10.11
C ARG A 169 18.38 13.39 -8.94
N LEU A 170 17.17 13.85 -9.11
CA LEU A 170 16.43 14.53 -8.07
C LEU A 170 15.87 13.50 -7.07
N ALA A 171 15.45 12.35 -7.55
CA ALA A 171 14.88 11.34 -6.64
C ALA A 171 15.91 10.96 -5.50
N PRO A 172 17.17 10.68 -5.78
CA PRO A 172 18.15 10.48 -4.68
C PRO A 172 18.20 11.61 -3.70
N ILE A 173 18.09 12.85 -4.15
CA ILE A 173 18.14 14.03 -3.27
C ILE A 173 16.96 14.00 -2.28
N LEU A 174 15.77 13.73 -2.81
CA LEU A 174 14.53 13.52 -2.03
CA LEU A 174 14.55 13.55 -1.99
C LEU A 174 14.68 12.39 -1.00
N ILE A 175 15.18 11.26 -1.43
CA ILE A 175 15.25 10.08 -0.56
C ILE A 175 16.29 10.40 0.57
N LYS A 176 17.42 11.02 0.19
CA LYS A 176 18.45 11.42 1.26
C LYS A 176 17.89 12.40 2.32
N GLU A 177 17.13 13.37 1.87
CA GLU A 177 16.57 14.33 2.76
C GLU A 177 15.45 13.70 3.63
N ALA A 178 14.62 12.85 3.03
CA ALA A 178 13.65 12.06 3.84
C ALA A 178 14.33 11.23 4.90
N THR A 179 15.43 10.62 4.51
CA THR A 179 16.14 9.72 5.44
C THR A 179 16.63 10.62 6.62
N ARG A 180 17.19 11.78 6.35
CA ARG A 180 17.76 12.65 7.39
C ARG A 180 16.64 13.07 8.35
N ARG A 181 15.47 13.47 7.82
CA ARG A 181 14.39 13.92 8.71
CA ARG A 181 14.38 13.91 8.71
C ARG A 181 13.89 12.78 9.58
N VAL A 182 13.82 11.55 9.05
CA VAL A 182 13.33 10.40 9.79
C VAL A 182 14.39 10.02 10.87
N ASN A 183 15.67 10.06 10.48
CA ASN A 183 16.75 9.71 11.43
C ASN A 183 16.84 10.77 12.55
N ARG A 184 16.48 12.00 12.28
CA ARG A 184 16.54 13.10 13.29
C ARG A 184 15.48 12.80 14.39
N THR A 185 14.47 12.00 14.05
CA THR A 185 13.45 11.53 15.08
C THR A 185 13.72 10.17 15.67
N ASN A 186 14.97 9.66 15.54
CA ASN A 186 15.44 8.43 16.08
C ASN A 186 14.80 7.20 15.48
N VAL A 187 14.44 7.28 14.17
CA VAL A 187 13.97 6.13 13.49
C VAL A 187 14.95 5.77 12.35
N TRP A 188 15.24 4.48 12.21
CA TRP A 188 16.40 4.06 11.37
C TRP A 188 16.07 3.00 10.36
N GLN A 189 14.79 2.61 10.33
CA GLN A 189 14.30 1.67 9.31
C GLN A 189 13.09 2.31 8.57
N ALA A 190 12.88 1.85 7.32
CA ALA A 190 11.67 2.27 6.59
C ALA A 190 11.25 1.03 5.80
N VAL A 191 9.96 1.01 5.46
CA VAL A 191 9.39 -0.03 4.56
C VAL A 191 8.73 0.72 3.38
N TYR A 192 8.87 0.12 2.18
CA TYR A 192 8.28 0.79 0.97
C TYR A 192 8.01 -0.31 -0.04
N THR A 193 7.05 0.01 -0.96
CA THR A 193 6.85 -0.90 -2.15
C THR A 193 7.13 -0.07 -3.40
N ALA A 194 7.39 -0.82 -4.48
CA ALA A 194 7.50 -0.20 -5.82
C ALA A 194 7.17 -1.25 -6.84
N GLY A 195 6.74 -0.75 -7.99
CA GLY A 195 6.35 -1.62 -9.08
C GLY A 195 7.54 -1.84 -10.01
N VAL A 196 8.74 -1.39 -9.64
CA VAL A 196 10.00 -1.58 -10.38
C VAL A 196 10.96 -2.35 -9.45
N LEU A 197 11.94 -3.00 -10.05
CA LEU A 197 13.01 -3.75 -9.41
C LEU A 197 14.18 -2.90 -8.99
N LEU A 198 14.48 -2.87 -7.69
CA LEU A 198 15.53 -2.03 -7.08
C LEU A 198 16.35 -2.99 -6.22
N PRO A 199 17.60 -2.59 -5.83
CA PRO A 199 18.27 -3.46 -4.79
C PRO A 199 17.56 -3.30 -3.41
N THR A 200 17.05 -4.34 -2.77
CA THR A 200 16.77 -5.67 -3.24
C THR A 200 15.49 -6.10 -2.48
N PRO A 201 14.47 -6.57 -3.15
CA PRO A 201 13.20 -6.83 -2.42
C PRO A 201 13.29 -7.99 -1.44
N TYR A 202 12.54 -7.93 -0.37
CA TYR A 202 12.39 -9.19 0.45
C TYR A 202 11.13 -10.00 0.12
N ALA A 203 10.20 -9.48 -0.76
CA ALA A 203 9.05 -10.27 -1.24
C ALA A 203 8.54 -9.62 -2.53
N SER A 204 7.83 -10.38 -3.30
CA SER A 204 7.34 -9.89 -4.62
CA SER A 204 7.36 -9.92 -4.64
C SER A 204 6.05 -10.62 -4.89
N GLY A 205 5.09 -9.93 -5.44
CA GLY A 205 3.80 -10.55 -5.69
C GLY A 205 3.09 -10.04 -6.93
N GLN A 206 2.25 -10.88 -7.53
CA GLN A 206 1.46 -10.42 -8.69
C GLN A 206 0.28 -9.52 -8.29
N TYR A 207 -0.18 -8.70 -9.22
CA TYR A 207 -1.44 -7.97 -9.05
C TYR A 207 -2.61 -8.80 -9.58
N PHE A 208 -3.80 -8.55 -9.05
CA PHE A 208 -5.00 -9.25 -9.54
C PHE A 208 -6.13 -8.31 -9.71
N HIS A 209 -6.99 -8.54 -10.71
N HIS A 209 -7.00 -8.51 -10.68
CA HIS A 209 -8.12 -7.60 -11.07
CA HIS A 209 -8.14 -7.60 -10.85
C HIS A 209 -9.43 -8.43 -11.24
C HIS A 209 -9.37 -8.48 -11.01
N ARG A 210 -10.52 -7.92 -10.69
CA ARG A 210 -11.87 -8.59 -10.79
C ARG A 210 -12.78 -7.58 -11.51
N SER A 211 -13.17 -7.89 -12.74
CA SER A 211 -14.05 -6.98 -13.47
CA SER A 211 -14.08 -7.00 -13.48
C SER A 211 -15.45 -6.87 -12.82
N LEU A 212 -15.96 -5.62 -12.64
CA LEU A 212 -17.30 -5.36 -12.07
C LEU A 212 -18.19 -4.77 -13.16
N ASN A 213 -17.62 -3.94 -14.03
CA ASN A 213 -18.36 -3.31 -15.17
C ASN A 213 -17.57 -3.63 -16.39
N PRO A 214 -17.67 -4.87 -16.91
CA PRO A 214 -16.83 -5.23 -18.09
C PRO A 214 -17.12 -4.40 -19.35
N GLU A 215 -18.32 -3.89 -19.56
CA GLU A 215 -18.53 -3.07 -20.76
C GLU A 215 -17.69 -1.76 -20.77
N LYS A 216 -17.57 -1.13 -19.62
CA LYS A 216 -16.76 0.08 -19.49
C LYS A 216 -15.30 -0.30 -19.58
N LEU A 217 -14.88 -1.36 -18.89
CA LEU A 217 -13.43 -1.74 -18.94
C LEU A 217 -12.96 -2.00 -20.34
N VAL A 218 -13.80 -2.59 -21.19
CA VAL A 218 -13.44 -2.81 -22.58
C VAL A 218 -13.48 -1.49 -23.38
N GLU A 219 -14.45 -0.62 -23.16
CA GLU A 219 -14.47 0.65 -23.90
C GLU A 219 -13.10 1.40 -23.71
N ILE A 220 -12.65 1.50 -22.44
CA ILE A 220 -11.40 2.25 -22.10
C ILE A 220 -10.09 1.48 -22.23
N ARG A 221 -10.17 0.26 -22.77
CA ARG A 221 -9.06 -0.69 -23.00
C ARG A 221 -8.23 -1.07 -21.78
N PHE A 222 -8.89 -1.05 -20.60
CA PHE A 222 -8.32 -1.70 -19.44
C PHE A 222 -8.32 -3.20 -19.60
N SER A 223 -9.39 -3.67 -20.29
CA SER A 223 -9.63 -5.10 -20.57
C SER A 223 -9.83 -5.26 -22.06
N GLY A 224 -9.64 -6.47 -22.55
CA GLY A 224 -10.08 -6.75 -23.90
C GLY A 224 -11.22 -7.72 -23.85
N ILE A 225 -11.91 -7.89 -24.98
CA ILE A 225 -12.75 -9.09 -25.05
C ILE A 225 -11.72 -10.22 -25.30
N PRO A 226 -11.62 -11.18 -24.39
CA PRO A 226 -10.55 -12.20 -24.58
C PRO A 226 -10.81 -13.07 -25.80
N ALA A 227 -9.73 -13.54 -26.45
CA ALA A 227 -9.82 -14.27 -27.73
C ALA A 227 -10.90 -15.41 -27.81
N GLN A 228 -10.92 -16.32 -26.83
CA GLN A 228 -12.05 -17.27 -26.59
C GLN A 228 -13.53 -16.75 -26.68
N TYR A 229 -13.79 -15.48 -26.34
CA TYR A 229 -15.15 -14.90 -26.40
C TYR A 229 -15.63 -14.59 -27.85
N GLN A 230 -14.73 -14.67 -28.85
CA GLN A 230 -15.13 -14.45 -30.26
C GLN A 230 -15.85 -15.66 -30.88
N LYS A 231 -15.38 -16.89 -30.63
CA LYS A 231 -16.14 -18.10 -31.03
C LYS A 231 -17.66 -18.03 -30.62
N PHE A 232 -18.02 -17.04 -29.80
CA PHE A 232 -19.43 -16.79 -29.36
C PHE A 232 -20.11 -15.83 -30.29
N GLN A 233 -21.38 -16.13 -30.53
CA GLN A 233 -22.13 -15.34 -31.49
C GLN A 233 -22.19 -13.91 -30.97
N ASN A 234 -22.26 -13.77 -29.62
CA ASN A 234 -22.31 -12.44 -28.93
C ASN A 234 -21.37 -12.20 -27.71
N PRO A 235 -20.19 -11.63 -27.98
CA PRO A 235 -19.16 -11.49 -26.91
C PRO A 235 -19.54 -10.75 -25.61
N MET A 236 -19.95 -9.48 -25.71
CA MET A 236 -20.20 -8.67 -24.51
CA MET A 236 -20.25 -8.62 -24.57
C MET A 236 -21.35 -9.15 -23.65
N ALA A 237 -22.43 -9.68 -24.27
CA ALA A 237 -23.53 -10.23 -23.47
C ALA A 237 -22.96 -11.37 -22.58
N MET A 238 -22.13 -12.21 -23.15
CA MET A 238 -21.52 -13.35 -22.46
C MET A 238 -20.50 -12.84 -21.41
N LEU A 239 -19.77 -11.75 -21.73
CA LEU A 239 -18.80 -11.22 -20.73
C LEU A 239 -19.54 -10.63 -19.54
N LYS A 240 -20.62 -9.87 -19.78
CA LYS A 240 -21.47 -9.36 -18.68
C LYS A 240 -22.06 -10.49 -17.83
N ARG A 241 -22.56 -11.55 -18.52
CA ARG A 241 -23.10 -12.74 -17.79
C ARG A 241 -22.02 -13.40 -16.93
N ASN A 242 -20.80 -13.51 -17.45
CA ASN A 242 -19.73 -14.15 -16.68
C ASN A 242 -19.44 -13.41 -15.34
N TYR A 243 -19.48 -12.09 -15.40
CA TYR A 243 -19.01 -11.33 -14.23
C TYR A 243 -20.17 -10.72 -13.47
N GLN A 244 -21.44 -11.10 -13.79
CA GLN A 244 -22.60 -10.66 -12.95
C GLN A 244 -22.49 -11.02 -11.46
N LEU A 245 -23.04 -10.12 -10.64
CA LEU A 245 -23.06 -10.22 -9.18
C LEU A 245 -24.48 -9.98 -8.63
N PRO A 246 -24.78 -10.63 -7.49
CA PRO A 246 -26.05 -10.29 -6.88
C PRO A 246 -26.18 -8.82 -6.44
N SER A 247 -27.41 -8.38 -6.24
CA SER A 247 -27.66 -6.99 -5.82
C SER A 247 -27.30 -6.66 -4.38
N ALA A 248 -27.37 -7.66 -3.51
CA ALA A 248 -27.27 -7.40 -2.10
C ALA A 248 -26.40 -8.45 -1.48
N PRO A 249 -25.69 -8.14 -0.36
CA PRO A 249 -24.85 -9.14 0.28
C PRO A 249 -25.61 -10.34 0.68
N LYS A 250 -24.92 -11.47 0.63
CA LYS A 250 -25.53 -12.74 0.99
C LYS A 250 -25.48 -12.97 2.49
N ASN A 251 -24.55 -12.33 3.22
CA ASN A 251 -24.42 -12.58 4.64
C ASN A 251 -25.44 -11.64 5.35
N SER A 252 -26.58 -12.08 5.98
N SER A 252 -26.49 -12.33 5.81
CA SER A 252 -27.61 -11.07 6.46
CA SER A 252 -27.12 -12.08 7.05
C SER A 252 -27.23 -10.19 7.71
C SER A 252 -26.06 -11.79 8.09
N GLY A 253 -26.17 -10.55 8.44
CA GLY A 253 -25.49 -9.83 9.52
C GLY A 253 -24.54 -8.72 9.00
N LEU A 254 -24.34 -8.65 7.68
CA LEU A 254 -23.48 -7.56 7.15
C LEU A 254 -24.09 -6.17 7.28
N ARG A 255 -23.31 -5.26 7.83
CA ARG A 255 -23.73 -3.83 7.92
C ARG A 255 -22.44 -2.96 7.84
N GLU A 256 -22.58 -1.66 7.56
CA GLU A 256 -21.44 -0.77 7.66
CA GLU A 256 -21.37 -0.80 7.65
C GLU A 256 -20.84 -0.71 9.07
N MET A 257 -19.51 -0.61 9.19
CA MET A 257 -18.86 -0.43 10.47
C MET A 257 -19.18 0.96 11.08
N LYS A 258 -19.36 0.98 12.40
CA LYS A 258 -19.57 2.24 13.08
CA LYS A 258 -19.65 2.15 13.19
C LYS A 258 -18.51 2.35 14.18
N PRO A 259 -18.35 3.59 14.78
CA PRO A 259 -17.32 3.76 15.80
C PRO A 259 -17.36 2.78 16.96
N SER A 260 -18.56 2.34 17.35
CA SER A 260 -18.61 1.38 18.46
C SER A 260 -17.98 -0.02 18.15
N ASP A 261 -17.74 -0.35 16.88
CA ASP A 261 -17.10 -1.62 16.48
C ASP A 261 -15.58 -1.57 16.60
N VAL A 262 -14.98 -0.41 16.83
CA VAL A 262 -13.52 -0.28 16.78
C VAL A 262 -12.80 -1.34 17.64
N PRO A 263 -13.20 -1.54 18.93
CA PRO A 263 -12.46 -2.56 19.71
C PRO A 263 -12.57 -3.96 19.18
N GLN A 264 -13.73 -4.41 18.72
CA GLN A 264 -13.88 -5.74 18.24
C GLN A 264 -13.15 -5.95 16.90
N VAL A 265 -13.19 -4.93 16.00
CA VAL A 265 -12.45 -5.05 14.72
C VAL A 265 -10.94 -5.06 15.05
N ARG A 266 -10.50 -4.24 15.99
CA ARG A 266 -9.03 -4.25 16.34
C ARG A 266 -8.62 -5.70 16.77
N ARG A 267 -9.39 -6.29 17.68
CA ARG A 267 -9.09 -7.61 18.17
C ARG A 267 -9.09 -8.69 17.09
N ILE A 268 -10.13 -8.85 16.27
CA ILE A 268 -10.16 -9.85 15.24
C ILE A 268 -9.08 -9.57 14.14
N LEU A 269 -8.84 -8.30 13.81
CA LEU A 269 -7.78 -8.05 12.82
C LEU A 269 -6.42 -8.41 13.43
N MET A 270 -6.13 -7.99 14.65
CA MET A 270 -4.75 -8.24 15.17
C MET A 270 -4.56 -9.74 15.35
N ASN A 271 -5.59 -10.50 15.73
CA ASN A 271 -5.41 -11.96 15.88
CA ASN A 271 -5.41 -11.95 15.85
C ASN A 271 -5.09 -12.61 14.51
N TYR A 272 -5.79 -12.18 13.46
CA TYR A 272 -5.49 -12.64 12.12
C TYR A 272 -4.11 -12.23 11.63
N LEU A 273 -3.71 -10.98 11.77
CA LEU A 273 -2.42 -10.49 11.21
C LEU A 273 -1.21 -11.09 11.91
N ASP A 274 -1.45 -11.58 13.12
CA ASP A 274 -0.41 -12.40 13.79
C ASP A 274 0.15 -13.53 13.04
N SER A 275 -0.67 -14.19 12.23
CA SER A 275 -0.30 -15.29 11.39
CA SER A 275 -0.21 -15.31 11.50
C SER A 275 0.89 -14.95 10.48
N PHE A 276 1.12 -13.66 10.18
CA PHE A 276 2.07 -13.31 9.09
C PHE A 276 3.39 -12.82 9.58
N ASP A 277 4.49 -13.08 8.81
CA ASP A 277 5.78 -12.59 9.24
C ASP A 277 6.01 -11.14 9.35
N VAL A 278 5.53 -10.35 8.35
CA VAL A 278 5.67 -8.87 8.36
C VAL A 278 4.22 -8.30 8.40
N GLY A 279 3.93 -7.55 9.41
CA GLY A 279 2.54 -6.97 9.44
C GLY A 279 2.44 -5.89 10.45
N PRO A 280 1.47 -4.97 10.25
CA PRO A 280 1.31 -3.81 11.12
C PRO A 280 0.61 -4.19 12.47
N VAL A 281 0.90 -3.39 13.45
CA VAL A 281 0.18 -3.44 14.75
C VAL A 281 -0.56 -2.12 14.84
N PHE A 282 -1.90 -2.17 15.02
CA PHE A 282 -2.68 -0.94 15.07
C PHE A 282 -3.32 -0.71 16.50
N SER A 283 -3.21 0.51 16.97
CA SER A 283 -3.95 0.94 18.22
C SER A 283 -5.45 1.10 17.85
N ASP A 284 -6.29 1.33 18.87
CA ASP A 284 -7.72 1.68 18.53
C ASP A 284 -7.78 2.95 17.64
N ALA A 285 -6.94 3.98 17.90
CA ALA A 285 -6.95 5.26 17.13
C ALA A 285 -6.60 4.94 15.67
N GLU A 286 -5.69 4.01 15.47
CA GLU A 286 -5.28 3.67 14.06
C GLU A 286 -6.34 2.83 13.39
N ILE A 287 -7.01 1.90 14.10
CA ILE A 287 -8.13 1.15 13.48
C ILE A 287 -9.22 2.15 13.12
N SER A 288 -9.56 3.09 14.02
CA SER A 288 -10.55 4.15 13.70
CA SER A 288 -10.54 4.14 13.69
C SER A 288 -10.16 4.91 12.41
N HIS A 289 -8.90 5.38 12.36
CA HIS A 289 -8.48 6.19 11.23
C HIS A 289 -8.50 5.35 9.91
N TYR A 290 -7.89 4.13 9.89
CA TYR A 290 -7.77 3.47 8.59
C TYR A 290 -9.02 2.69 8.18
N LEU A 291 -9.94 2.40 9.13
CA LEU A 291 -11.08 1.53 8.77
C LEU A 291 -12.45 2.19 8.91
N LEU A 292 -12.64 3.22 9.75
CA LEU A 292 -14.02 3.78 9.74
C LEU A 292 -14.42 4.37 8.41
N PRO A 293 -15.64 4.10 7.94
CA PRO A 293 -16.02 4.57 6.58
C PRO A 293 -15.76 6.08 6.43
N ARG A 294 -15.25 6.46 5.25
CA ARG A 294 -15.05 7.88 4.88
CA ARG A 294 -15.01 7.86 4.94
C ARG A 294 -15.48 8.04 3.50
N ASP A 295 -16.48 8.93 3.29
CA ASP A 295 -17.03 9.07 1.93
C ASP A 295 -16.05 9.24 0.80
N GLY A 296 -16.23 8.46 -0.24
CA GLY A 296 -15.31 8.51 -1.39
C GLY A 296 -13.88 7.93 -1.17
N VAL A 297 -13.60 7.37 0.01
CA VAL A 297 -12.20 7.01 0.32
C VAL A 297 -12.11 5.56 0.80
N VAL A 298 -12.76 5.26 1.90
CA VAL A 298 -12.62 3.93 2.46
C VAL A 298 -13.99 3.44 2.95
N PHE A 299 -14.23 2.15 2.72
CA PHE A 299 -15.55 1.54 2.85
C PHE A 299 -15.37 0.27 3.66
N THR A 300 -16.12 0.11 4.79
CA THR A 300 -15.80 -1.02 5.69
C THR A 300 -17.08 -1.58 6.21
N TYR A 301 -17.19 -2.91 6.21
CA TYR A 301 -18.44 -3.58 6.62
C TYR A 301 -18.09 -4.65 7.62
N VAL A 302 -18.94 -4.87 8.60
CA VAL A 302 -18.72 -5.93 9.59
C VAL A 302 -19.85 -6.93 9.48
N VAL A 303 -19.54 -8.19 9.86
CA VAL A 303 -20.61 -9.20 10.04
C VAL A 303 -20.84 -9.29 11.52
N GLU A 304 -22.06 -8.91 11.93
CA GLU A 304 -22.39 -8.99 13.35
CA GLU A 304 -22.41 -8.96 13.37
C GLU A 304 -23.39 -10.12 13.56
N ASN A 305 -23.01 -11.08 14.41
CA ASN A 305 -23.83 -12.25 14.83
C ASN A 305 -24.02 -12.11 16.36
N ASP A 306 -25.27 -12.03 16.84
CA ASP A 306 -25.58 -12.09 18.29
C ASP A 306 -24.79 -10.97 19.04
N LYS A 307 -24.94 -9.78 18.44
CA LYS A 307 -24.30 -8.57 18.91
C LYS A 307 -22.74 -8.62 19.05
N LYS A 308 -22.10 -9.57 18.34
CA LYS A 308 -20.62 -9.65 18.33
C LYS A 308 -20.21 -9.51 16.87
N VAL A 309 -19.19 -8.69 16.63
CA VAL A 309 -18.54 -8.65 15.28
C VAL A 309 -17.65 -9.89 15.13
N THR A 310 -17.92 -10.68 14.11
CA THR A 310 -17.19 -11.92 13.89
C THR A 310 -16.30 -11.88 12.63
N ASP A 311 -16.57 -10.92 11.74
CA ASP A 311 -15.80 -10.87 10.47
C ASP A 311 -15.88 -9.41 10.03
N PHE A 312 -15.00 -9.01 9.10
CA PHE A 312 -15.15 -7.65 8.49
C PHE A 312 -14.32 -7.63 7.21
N PHE A 313 -14.70 -6.72 6.32
CA PHE A 313 -13.76 -6.40 5.21
C PHE A 313 -13.75 -4.89 4.96
N SER A 314 -12.73 -4.41 4.26
CA SER A 314 -12.62 -2.96 3.96
C SER A 314 -12.07 -2.92 2.52
N PHE A 315 -12.42 -1.86 1.77
CA PHE A 315 -11.74 -1.62 0.49
C PHE A 315 -11.63 -0.11 0.39
N TYR A 316 -10.64 0.38 -0.39
CA TYR A 316 -10.51 1.83 -0.61
C TYR A 316 -10.63 2.15 -2.09
N ARG A 317 -10.90 3.42 -2.38
CA ARG A 317 -11.18 3.89 -3.74
C ARG A 317 -10.03 4.74 -4.24
N ILE A 318 -9.58 4.45 -5.47
CA ILE A 318 -8.65 5.37 -6.21
C ILE A 318 -9.09 5.43 -7.64
N PRO A 319 -9.58 6.59 -8.16
CA PRO A 319 -9.86 6.67 -9.55
C PRO A 319 -8.55 6.89 -10.34
N SER A 320 -8.52 6.47 -11.57
CA SER A 320 -7.46 6.77 -12.52
C SER A 320 -7.95 7.54 -13.71
N THR A 321 -7.09 8.44 -14.15
CA THR A 321 -7.32 9.16 -15.43
C THR A 321 -7.15 8.21 -16.58
N VAL A 322 -8.15 8.24 -17.52
CA VAL A 322 -8.05 7.47 -18.76
C VAL A 322 -7.49 8.49 -19.80
N ILE A 323 -6.26 8.31 -20.20
CA ILE A 323 -5.58 9.22 -21.14
C ILE A 323 -6.25 9.10 -22.56
N GLY A 324 -7.05 10.08 -23.03
CA GLY A 324 -7.60 10.04 -24.41
C GLY A 324 -8.75 9.11 -24.86
N ASN A 325 -9.74 8.87 -24.00
CA ASN A 325 -10.97 8.20 -24.44
C ASN A 325 -12.09 9.26 -24.63
N SER A 326 -12.83 9.22 -25.74
CA SER A 326 -13.86 10.25 -25.93
C SER A 326 -15.11 9.93 -25.08
N ASN A 327 -15.20 8.68 -24.61
CA ASN A 327 -16.41 8.17 -23.93
C ASN A 327 -16.32 8.21 -22.39
N TYR A 328 -15.10 8.11 -21.88
CA TYR A 328 -14.94 7.98 -20.46
C TYR A 328 -13.69 8.73 -20.05
N ASN A 329 -13.79 9.52 -19.00
CA ASN A 329 -12.64 10.18 -18.39
C ASN A 329 -11.89 9.38 -17.30
N LEU A 330 -12.60 8.42 -16.65
CA LEU A 330 -12.11 7.92 -15.34
C LEU A 330 -12.40 6.44 -15.16
N LEU A 331 -11.41 5.75 -14.63
CA LEU A 331 -11.61 4.33 -14.13
C LEU A 331 -11.86 4.41 -12.61
N ASN A 332 -12.94 3.82 -12.15
CA ASN A 332 -13.32 3.97 -10.74
C ASN A 332 -12.99 2.63 -10.08
N ALA A 333 -11.80 2.50 -9.46
CA ALA A 333 -11.28 1.19 -8.97
C ALA A 333 -11.44 1.10 -7.43
N ALA A 334 -11.85 -0.07 -6.96
CA ALA A 334 -11.80 -0.48 -5.55
C ALA A 334 -10.61 -1.38 -5.29
N TYR A 335 -10.00 -1.22 -4.14
CA TYR A 335 -8.80 -1.99 -3.78
C TYR A 335 -9.09 -2.70 -2.48
N VAL A 336 -8.84 -4.03 -2.48
CA VAL A 336 -9.06 -4.77 -1.24
C VAL A 336 -8.10 -4.25 -0.21
N HIS A 337 -8.63 -4.01 1.06
CA HIS A 337 -7.79 -3.39 2.12
C HIS A 337 -7.60 -4.48 3.20
N TYR A 338 -7.88 -4.25 4.44
CA TYR A 338 -7.71 -5.33 5.45
C TYR A 338 -9.05 -6.03 5.58
N TYR A 339 -9.01 -7.25 6.15
CA TYR A 339 -10.25 -7.99 6.45
C TYR A 339 -9.88 -9.10 7.48
N ALA A 340 -10.94 -9.74 8.01
CA ALA A 340 -10.64 -10.90 8.95
C ALA A 340 -11.89 -11.74 8.88
N ALA A 341 -11.73 -13.03 8.66
CA ALA A 341 -12.84 -13.97 8.59
C ALA A 341 -12.72 -14.97 9.76
N THR A 342 -13.72 -15.00 10.62
CA THR A 342 -13.75 -16.05 11.67
C THR A 342 -14.96 -16.94 11.58
N SER A 343 -16.02 -16.53 10.92
CA SER A 343 -17.31 -17.26 10.94
C SER A 343 -17.72 -18.00 9.66
N ILE A 344 -17.10 -17.63 8.54
CA ILE A 344 -17.45 -18.09 7.21
C ILE A 344 -16.11 -18.12 6.40
N PRO A 345 -16.12 -18.90 5.29
CA PRO A 345 -14.89 -18.98 4.50
C PRO A 345 -14.58 -17.62 3.89
N LEU A 346 -13.30 -17.41 3.73
CA LEU A 346 -12.86 -16.12 3.17
C LEU A 346 -13.51 -15.78 1.83
N HIS A 347 -13.69 -16.74 0.90
CA HIS A 347 -14.32 -16.46 -0.36
C HIS A 347 -15.77 -15.92 -0.23
N GLN A 348 -16.52 -16.45 0.75
CA GLN A 348 -17.81 -15.99 1.04
C GLN A 348 -17.78 -14.49 1.60
N LEU A 349 -16.78 -14.17 2.43
CA LEU A 349 -16.65 -12.75 2.96
C LEU A 349 -16.36 -11.79 1.76
N ILE A 350 -15.41 -12.19 0.88
CA ILE A 350 -14.96 -11.29 -0.18
C ILE A 350 -15.99 -11.21 -1.25
N LEU A 351 -16.87 -12.25 -1.48
CA LEU A 351 -17.90 -12.09 -2.44
C LEU A 351 -18.82 -10.89 -2.05
N ASP A 352 -19.05 -10.79 -0.74
CA ASP A 352 -19.81 -9.57 -0.29
C ASP A 352 -19.10 -8.26 -0.58
N LEU A 353 -17.77 -8.22 -0.45
CA LEU A 353 -17.00 -7.08 -0.90
C LEU A 353 -17.29 -6.71 -2.35
N LEU A 354 -17.20 -7.70 -3.25
CA LEU A 354 -17.46 -7.44 -4.66
C LEU A 354 -18.84 -6.95 -4.90
N ILE A 355 -19.83 -7.56 -4.17
CA ILE A 355 -21.22 -7.14 -4.34
C ILE A 355 -21.43 -5.65 -3.97
N VAL A 356 -20.92 -5.29 -2.81
CA VAL A 356 -20.97 -3.89 -2.28
C VAL A 356 -20.28 -2.95 -3.27
N ALA A 357 -19.08 -3.30 -3.69
CA ALA A 357 -18.34 -2.41 -4.64
C ALA A 357 -19.10 -2.24 -5.91
N HIS A 358 -19.67 -3.34 -6.47
CA HIS A 358 -20.37 -3.21 -7.65
C HIS A 358 -21.65 -2.35 -7.52
N SER A 359 -22.36 -2.57 -6.44
CA SER A 359 -23.59 -1.79 -6.18
CA SER A 359 -23.59 -1.80 -6.17
C SER A 359 -23.29 -0.30 -6.01
N ARG A 360 -22.12 0.02 -5.44
CA ARG A 360 -21.64 1.41 -5.32
C ARG A 360 -21.04 2.05 -6.56
N GLY A 361 -21.07 1.36 -7.69
CA GLY A 361 -20.69 1.93 -8.95
C GLY A 361 -19.15 1.82 -9.27
N PHE A 362 -18.44 0.94 -8.59
CA PHE A 362 -17.03 0.71 -8.99
C PHE A 362 -16.87 -0.16 -10.20
N ASP A 363 -15.82 0.09 -11.00
CA ASP A 363 -15.71 -0.62 -12.27
C ASP A 363 -14.89 -1.93 -12.19
N VAL A 364 -14.00 -2.00 -11.20
CA VAL A 364 -13.02 -3.12 -11.08
C VAL A 364 -12.61 -3.18 -9.61
N CYS A 365 -12.24 -4.39 -9.14
CA CYS A 365 -11.72 -4.55 -7.78
C CYS A 365 -10.32 -5.10 -7.96
N ASN A 366 -9.36 -4.47 -7.33
CA ASN A 366 -7.94 -4.88 -7.46
C ASN A 366 -7.26 -5.24 -6.16
N MET A 367 -6.20 -6.01 -6.25
CA MET A 367 -5.51 -6.42 -5.01
C MET A 367 -4.10 -7.00 -5.45
N VAL A 368 -3.24 -7.11 -4.44
CA VAL A 368 -1.89 -7.78 -4.60
C VAL A 368 -2.00 -9.11 -3.89
N GLU A 369 -1.19 -10.08 -4.25
CA GLU A 369 -1.33 -11.47 -3.61
C GLU A 369 -0.65 -11.57 -2.23
N ILE A 370 -0.91 -10.59 -1.40
CA ILE A 370 -0.53 -10.66 0.03
C ILE A 370 -1.70 -11.24 0.84
N LEU A 371 -1.49 -11.27 2.15
CA LEU A 371 -2.52 -11.73 3.09
C LEU A 371 -2.94 -13.14 2.63
N ASP A 372 -4.23 -13.49 2.60
CA ASP A 372 -4.68 -14.76 2.05
C ASP A 372 -5.46 -14.52 0.72
N ASN A 373 -5.03 -13.44 0.06
CA ASN A 373 -5.73 -13.05 -1.19
C ASN A 373 -5.73 -14.16 -2.28
N ARG A 374 -4.72 -15.03 -2.32
CA ARG A 374 -4.77 -16.25 -3.22
CA ARG A 374 -4.80 -16.24 -3.25
C ARG A 374 -5.92 -17.23 -3.04
N SER A 375 -6.32 -17.42 -1.83
CA SER A 375 -7.35 -18.39 -1.58
CA SER A 375 -7.40 -18.33 -1.53
C SER A 375 -8.62 -18.07 -2.32
N PHE A 376 -8.83 -16.81 -2.79
CA PHE A 376 -10.11 -16.58 -3.42
C PHE A 376 -10.04 -16.13 -4.90
N VAL A 377 -8.84 -16.14 -5.46
CA VAL A 377 -8.62 -15.71 -6.86
C VAL A 377 -9.53 -16.47 -7.83
N GLU A 378 -9.46 -17.80 -7.80
CA GLU A 378 -10.18 -18.58 -8.80
C GLU A 378 -11.70 -18.59 -8.55
N GLN A 379 -12.11 -18.75 -7.26
CA GLN A 379 -13.57 -18.79 -7.07
C GLN A 379 -14.27 -17.47 -7.37
N LEU A 380 -13.57 -16.38 -7.12
CA LEU A 380 -14.17 -15.06 -7.34
C LEU A 380 -13.81 -14.42 -8.71
N LYS A 381 -13.16 -15.18 -9.61
CA LYS A 381 -12.96 -14.74 -10.98
C LYS A 381 -11.99 -13.54 -11.10
N PHE A 382 -11.09 -13.45 -10.20
CA PHE A 382 -9.93 -12.53 -10.37
C PHE A 382 -8.99 -13.08 -11.43
N GLY A 383 -8.37 -12.22 -12.18
CA GLY A 383 -7.25 -12.58 -13.10
C GLY A 383 -5.95 -11.87 -12.78
N ALA A 384 -4.79 -12.51 -12.99
CA ALA A 384 -3.50 -11.80 -12.75
C ALA A 384 -3.34 -10.64 -13.71
N GLY A 385 -2.73 -9.50 -13.25
CA GLY A 385 -2.42 -8.36 -14.09
C GLY A 385 -0.97 -8.41 -14.56
N ASP A 386 -0.37 -7.24 -14.94
CA ASP A 386 0.94 -7.23 -15.54
C ASP A 386 2.01 -6.87 -14.49
N GLY A 387 3.14 -7.50 -14.57
CA GLY A 387 4.23 -7.16 -13.64
C GLY A 387 4.06 -7.68 -12.22
N HIS A 388 4.84 -7.09 -11.31
CA HIS A 388 4.83 -7.51 -9.91
C HIS A 388 5.04 -6.28 -9.00
N LEU A 389 4.53 -6.38 -7.79
CA LEU A 389 4.75 -5.38 -6.73
C LEU A 389 5.91 -5.96 -5.88
N ARG A 390 6.89 -5.16 -5.60
CA ARG A 390 8.05 -5.55 -4.80
C ARG A 390 8.02 -4.81 -3.46
N TYR A 391 8.35 -5.52 -2.37
CA TYR A 391 8.36 -5.01 -1.00
C TYR A 391 9.84 -4.87 -0.56
N TYR A 392 10.16 -3.78 0.05
CA TYR A 392 11.55 -3.48 0.44
C TYR A 392 11.63 -2.94 1.87
N PHE A 393 12.77 -3.17 2.53
CA PHE A 393 13.13 -2.35 3.70
C PHE A 393 14.37 -1.50 3.47
N TYR A 394 14.49 -0.41 4.20
CA TYR A 394 15.68 0.37 4.28
C TYR A 394 16.36 0.05 5.61
N ASN A 395 17.65 -0.31 5.52
CA ASN A 395 18.45 -0.56 6.79
C ASN A 395 17.91 -1.74 7.60
N TRP A 396 17.48 -2.76 6.93
CA TRP A 396 17.02 -3.98 7.54
C TRP A 396 17.29 -5.18 6.71
N ALA A 397 18.19 -6.03 7.25
CA ALA A 397 18.48 -7.31 6.66
C ALA A 397 17.28 -8.24 6.88
N TYR A 398 16.78 -8.93 5.85
CA TYR A 398 15.62 -9.78 6.00
C TYR A 398 15.63 -10.93 4.99
N PRO A 399 15.38 -12.18 5.43
CA PRO A 399 15.40 -13.30 4.50
C PRO A 399 14.24 -13.16 3.53
N LYS A 400 14.36 -13.64 2.30
CA LYS A 400 13.28 -13.60 1.31
C LYS A 400 12.11 -14.34 1.89
N ILE A 401 10.91 -13.75 1.75
CA ILE A 401 9.66 -14.45 2.09
C ILE A 401 8.64 -14.45 0.94
N LYS A 402 7.69 -15.36 1.01
CA LYS A 402 6.59 -15.43 0.02
C LYS A 402 5.65 -14.24 0.28
N PRO A 403 4.95 -13.79 -0.73
CA PRO A 403 4.03 -12.59 -0.45
C PRO A 403 2.86 -12.97 0.44
N SER A 404 2.51 -14.28 0.54
CA SER A 404 1.52 -14.77 1.48
C SER A 404 2.01 -14.69 2.96
N GLN A 405 3.24 -14.19 3.18
CA GLN A 405 3.70 -13.89 4.59
C GLN A 405 3.73 -12.43 4.95
N VAL A 406 3.23 -11.60 3.96
CA VAL A 406 3.16 -10.18 4.12
C VAL A 406 1.70 -9.71 4.35
N ALA A 407 1.58 -8.84 5.36
CA ALA A 407 0.21 -8.34 5.78
C ALA A 407 0.15 -6.81 5.82
N LEU A 408 1.13 -6.12 5.25
CA LEU A 408 1.11 -4.65 5.20
C LEU A 408 0.52 -4.17 3.82
N VAL A 409 -0.67 -3.54 3.84
CA VAL A 409 -1.31 -3.01 2.58
C VAL A 409 -0.72 -1.63 2.37
N MET A 410 -0.21 -1.33 1.14
CA MET A 410 0.32 -0.04 0.88
C MET A 410 -0.56 0.76 -0.09
N LEU A 411 -0.87 1.99 0.29
CA LEU A 411 -2.01 2.68 -0.37
C LEU A 411 -1.50 3.33 -1.66
#